data_6WZR
#
_entry.id   6WZR
#
_cell.length_a   89.991
_cell.length_b   89.991
_cell.length_c   122.834
_cell.angle_alpha   90.000
_cell.angle_beta   90.000
_cell.angle_gamma   120.000
#
_symmetry.space_group_name_H-M   'P 32 2 1'
#
loop_
_entity.id
_entity.type
_entity.pdbx_description
1 polymer 'Fusibacterium ulcerans ZTP riboswitch'
2 non-polymer 'MAGNESIUM ION'
3 non-polymer 'POTASSIUM ION'
4 non-polymer 5-amino-1-(pyridin-4-yl)-1H-imidazole-4-carboxamide
5 water water
#
_entity_poly.entity_id   1
_entity_poly.type   'polyribonucleotide'
_entity_poly.pdbx_seq_one_letter_code
;UAUCAGUUAUAUGACUGACGGAACGUGGAAUUAACCACAUGAAGUAUAACGAUGACAAUGCCGACCGUCUGGGCG
;
_entity_poly.pdbx_strand_id   A,B
#